data_6UJD
#
_entry.id   6UJD
#
_cell.length_a   78.260
_cell.length_b   78.260
_cell.length_c   208.900
_cell.angle_alpha   90.000
_cell.angle_beta   90.000
_cell.angle_gamma   90.000
#
_symmetry.space_group_name_H-M   'P 41 21 2'
#
loop_
_entity.id
_entity.type
_entity.pdbx_description
1 polymer 'Cysteine--tRNA ligase'
2 non-polymer 'ZINC ION'
3 non-polymer 'CHLORIDE ION'
4 non-polymer 'PHOSPHATE ION'
5 non-polymer 1-METHOXY-2-[2-(2-METHOXY-ETHOXY]-ETHANE
6 non-polymer 1,2-ETHANEDIOL
7 water water
#
_entity_poly.entity_id   1
_entity_poly.type   'polypeptide(L)'
_entity_poly.pdbx_seq_one_letter_code
;MAHHHHHHMQLKIYNSLTGEKEDFKPILEGNVGMYVCGPTVYSNVHLGNVRTFLSFDFIYRSLQYIGYKVRYVRNITDAG
HLTDDGNIENDRFIKQSRLEKLEPMEIVQKYTVDFHEVLKKFNLLPPTIEPTATGHIIEQIELTKKLIDTGFAYESNGSV
YFDVLEYNARGLNYGELSRRNIEELFANTRDLDGQGEKKNPQDFALWKKASPQHIMRWISPWGEGFPGWHLECTAMSTKY
LGDKFDIHGGGMDLKFPHHECEIAQGKACNGTEPVNYWMHANMLTMNGQRMSKSTGNYILPMELITGNNSFFEKAFHPSV
LRFCFLQAHYRSVLDISNDAMLASEKGFSRLMDAVKLVDELQVSEKSTVNVQEWYEKAYSALVDDFNSPILISHLFEAVK
WVFLLKDGKETITADDLAFLKEKLNAFVFDVLGLQTVEETNNNKLDETLQLLIELRNQARKSKNWELSDQIRDRLLEQGI
ELKDGKEGTSYTIN
;
_entity_poly.pdbx_strand_id   A
#
# COMPACT_ATOMS: atom_id res chain seq x y z
N MET A 9 14.57 19.75 -1.09
CA MET A 9 15.44 18.88 -1.89
C MET A 9 14.64 17.74 -2.51
N GLN A 10 15.32 16.87 -3.25
CA GLN A 10 14.62 15.89 -4.08
C GLN A 10 14.38 14.59 -3.32
N LEU A 11 13.35 13.88 -3.77
CA LEU A 11 12.82 12.71 -3.07
C LEU A 11 13.76 11.51 -3.18
N LYS A 12 13.90 10.79 -2.07
CA LYS A 12 14.61 9.52 -2.02
C LYS A 12 13.66 8.41 -1.58
N ILE A 13 13.75 7.26 -2.24
CA ILE A 13 12.86 6.13 -1.98
C ILE A 13 13.70 4.88 -1.77
N TYR A 14 13.40 4.14 -0.71
CA TYR A 14 14.02 2.83 -0.52
C TYR A 14 13.51 1.86 -1.57
N ASN A 15 14.43 1.12 -2.18
CA ASN A 15 14.13 0.20 -3.26
C ASN A 15 14.52 -1.20 -2.82
N SER A 16 13.53 -2.10 -2.74
CA SER A 16 13.82 -3.47 -2.33
C SER A 16 14.72 -4.20 -3.33
N LEU A 17 14.79 -3.73 -4.59
CA LEU A 17 15.68 -4.36 -5.56
C LEU A 17 17.14 -4.21 -5.18
N THR A 18 17.51 -3.06 -4.63
CA THR A 18 18.90 -2.78 -4.28
C THR A 18 19.15 -2.72 -2.79
N GLY A 19 18.10 -2.65 -1.97
CA GLY A 19 18.28 -2.56 -0.53
C GLY A 19 18.84 -1.24 -0.04
N GLU A 20 18.69 -0.17 -0.80
CA GLU A 20 19.21 1.14 -0.42
C GLU A 20 18.20 2.22 -0.78
N LYS A 21 18.34 3.37 -0.12
CA LYS A 21 17.60 4.55 -0.53
C LYS A 21 18.19 5.08 -1.82
N GLU A 22 17.32 5.47 -2.74
CA GLU A 22 17.75 5.93 -4.05
C GLU A 22 17.07 7.24 -4.38
N ASP A 23 17.79 8.10 -5.09
CA ASP A 23 17.15 9.27 -5.69
C ASP A 23 16.03 8.80 -6.60
N PHE A 24 14.82 9.29 -6.35
CA PHE A 24 13.71 8.93 -7.22
C PHE A 24 13.80 9.72 -8.51
N LYS A 25 13.80 9.00 -9.63
CA LYS A 25 13.85 9.61 -10.96
C LYS A 25 12.71 9.01 -11.76
N PRO A 26 11.69 9.77 -12.12
CA PRO A 26 10.53 9.20 -12.79
C PRO A 26 10.82 8.92 -14.25
N ILE A 27 10.05 7.97 -14.80
CA ILE A 27 10.18 7.63 -16.21
C ILE A 27 9.73 8.79 -17.09
N LEU A 28 8.70 9.52 -16.65
CA LEU A 28 8.20 10.68 -17.35
C LEU A 28 8.14 11.86 -16.39
N GLU A 29 8.75 12.98 -16.79
CA GLU A 29 8.88 14.14 -15.91
C GLU A 29 7.54 14.55 -15.32
N GLY A 30 7.57 14.89 -14.02
CA GLY A 30 6.40 15.37 -13.32
C GLY A 30 5.28 14.36 -13.16
N ASN A 31 5.55 13.08 -13.42
CA ASN A 31 4.54 12.04 -13.42
C ASN A 31 5.04 10.82 -12.67
N VAL A 32 4.10 10.13 -12.01
CA VAL A 32 4.39 8.88 -11.34
C VAL A 32 3.29 7.87 -11.68
N GLY A 33 3.70 6.71 -12.18
CA GLY A 33 2.82 5.55 -12.28
C GLY A 33 3.11 4.61 -11.13
N MET A 34 2.05 4.19 -10.45
CA MET A 34 2.16 3.53 -9.16
C MET A 34 1.12 2.44 -9.01
N TYR A 35 1.57 1.22 -8.70
CA TYR A 35 0.70 0.04 -8.55
C TYR A 35 0.92 -0.58 -7.17
N VAL A 36 -0.17 -0.79 -6.43
CA VAL A 36 -0.12 -1.47 -5.14
C VAL A 36 -1.04 -2.68 -5.18
N CYS A 37 -0.54 -3.81 -4.68
CA CYS A 37 -1.34 -5.03 -4.64
C CYS A 37 -2.53 -4.88 -3.69
N GLY A 38 -3.73 -5.18 -4.20
CA GLY A 38 -4.95 -4.97 -3.46
C GLY A 38 -5.43 -6.19 -2.70
N PRO A 39 -6.62 -6.10 -2.11
CA PRO A 39 -7.11 -7.18 -1.27
C PRO A 39 -7.69 -8.33 -2.08
N THR A 40 -7.64 -9.52 -1.48
CA THR A 40 -8.43 -10.65 -1.94
C THR A 40 -9.74 -10.60 -1.18
N VAL A 41 -10.85 -10.41 -1.90
CA VAL A 41 -12.12 -10.08 -1.27
C VAL A 41 -12.93 -11.34 -1.01
N TYR A 42 -12.29 -12.36 -0.43
CA TYR A 42 -12.97 -13.58 0.00
C TYR A 42 -13.16 -13.62 1.51
N SER A 43 -12.84 -12.55 2.22
CA SER A 43 -12.98 -12.46 3.67
C SER A 43 -12.74 -11.01 4.07
N ASN A 44 -12.89 -10.72 5.37
CA ASN A 44 -12.73 -9.36 5.85
C ASN A 44 -11.29 -8.92 5.74
N VAL A 45 -11.09 -7.64 5.43
CA VAL A 45 -9.75 -7.10 5.28
C VAL A 45 -9.09 -7.03 6.66
N HIS A 46 -7.87 -7.55 6.76
CA HIS A 46 -7.16 -7.58 8.02
C HIS A 46 -6.59 -6.21 8.37
N LEU A 47 -6.32 -6.01 9.65
CA LEU A 47 -5.77 -4.73 10.09
C LEU A 47 -4.39 -4.49 9.47
N GLY A 48 -3.52 -5.51 9.46
CA GLY A 48 -2.21 -5.35 8.83
C GLY A 48 -2.29 -4.97 7.37
N ASN A 49 -3.27 -5.50 6.65
CA ASN A 49 -3.48 -5.06 5.27
C ASN A 49 -3.96 -3.61 5.23
N VAL A 50 -4.75 -3.18 6.21
CA VAL A 50 -5.15 -1.78 6.28
C VAL A 50 -3.92 -0.90 6.42
N ARG A 51 -2.97 -1.31 7.28
CA ARG A 51 -1.74 -0.54 7.44
C ARG A 51 -0.99 -0.40 6.11
N THR A 52 -0.81 -1.51 5.41
CA THR A 52 -0.19 -1.46 4.09
C THR A 52 -0.90 -0.49 3.16
N PHE A 53 -2.24 -0.59 3.07
CA PHE A 53 -2.98 0.31 2.19
C PHE A 53 -2.93 1.75 2.69
N LEU A 54 -2.90 1.93 4.02
CA LEU A 54 -2.75 3.28 4.59
C LEU A 54 -1.35 3.83 4.34
N SER A 55 -0.33 2.98 4.44
CA SER A 55 1.03 3.44 4.14
C SER A 55 1.11 3.95 2.70
N PHE A 56 0.58 3.19 1.74
CA PHE A 56 0.65 3.64 0.37
C PHE A 56 -0.31 4.78 0.08
N ASP A 57 -1.36 4.97 0.89
CA ASP A 57 -2.16 6.18 0.79
C ASP A 57 -1.34 7.41 1.14
N PHE A 58 -0.62 7.34 2.27
CA PHE A 58 0.30 8.41 2.67
C PHE A 58 1.32 8.69 1.56
N ILE A 59 1.90 7.63 0.98
CA ILE A 59 2.89 7.79 -0.08
C ILE A 59 2.25 8.44 -1.30
N TYR A 60 1.05 7.99 -1.66
CA TYR A 60 0.31 8.59 -2.77
C TYR A 60 0.06 10.07 -2.51
N ARG A 61 -0.41 10.41 -1.31
CA ARG A 61 -0.63 11.81 -0.95
C ARG A 61 0.66 12.60 -1.02
N SER A 62 1.76 12.02 -0.53
CA SER A 62 3.03 12.73 -0.49
C SER A 62 3.57 12.98 -1.90
N LEU A 63 3.43 11.99 -2.79
CA LEU A 63 3.84 12.19 -4.18
C LEU A 63 3.05 13.32 -4.84
N GLN A 64 1.80 13.53 -4.43
CA GLN A 64 1.02 14.62 -5.00
C GLN A 64 1.40 15.97 -4.39
N TYR A 65 1.64 16.01 -3.08
CA TYR A 65 2.05 17.28 -2.45
C TYR A 65 3.36 17.79 -3.04
N ILE A 66 4.31 16.87 -3.26
CA ILE A 66 5.58 17.19 -3.89
C ILE A 66 5.39 17.72 -5.31
N GLY A 67 4.23 17.50 -5.91
CA GLY A 67 3.92 18.05 -7.21
C GLY A 67 3.86 17.06 -8.35
N TYR A 68 4.04 15.77 -8.08
CA TYR A 68 3.92 14.78 -9.15
C TYR A 68 2.46 14.55 -9.52
N LYS A 69 2.22 14.25 -10.79
CA LYS A 69 0.92 13.76 -11.26
C LYS A 69 0.95 12.24 -11.14
N VAL A 70 0.19 11.70 -10.20
CA VAL A 70 0.31 10.30 -9.80
C VAL A 70 -0.91 9.55 -10.31
N ARG A 71 -0.67 8.54 -11.15
CA ARG A 71 -1.69 7.57 -11.51
C ARG A 71 -1.50 6.36 -10.60
N TYR A 72 -2.39 6.22 -9.62
CA TYR A 72 -2.33 5.18 -8.60
C TYR A 72 -3.33 4.08 -8.99
N VAL A 73 -2.79 2.91 -9.35
CA VAL A 73 -3.59 1.73 -9.64
C VAL A 73 -3.49 0.78 -8.45
N ARG A 74 -4.64 0.32 -7.95
CA ARG A 74 -4.67 -0.67 -6.89
C ARG A 74 -5.74 -1.69 -7.23
N ASN A 75 -5.35 -2.95 -7.37
CA ASN A 75 -6.25 -3.95 -7.93
C ASN A 75 -7.18 -4.52 -6.86
N ILE A 76 -8.04 -5.43 -7.31
CA ILE A 76 -8.88 -6.26 -6.45
C ILE A 76 -8.82 -7.68 -6.99
N THR A 77 -8.46 -8.63 -6.13
CA THR A 77 -8.39 -10.04 -6.51
C THR A 77 -9.73 -10.69 -6.18
N ASP A 78 -10.64 -10.68 -7.15
CA ASP A 78 -11.96 -11.27 -7.00
C ASP A 78 -12.10 -12.61 -7.71
N ALA A 79 -11.01 -13.12 -8.31
CA ALA A 79 -10.99 -14.42 -8.96
C ALA A 79 -9.64 -15.05 -8.70
N GLY A 80 -9.63 -16.38 -8.68
CA GLY A 80 -8.35 -17.02 -8.44
C GLY A 80 -7.80 -16.68 -7.06
N HIS A 81 -6.52 -17.01 -6.88
CA HIS A 81 -5.85 -16.92 -5.58
C HIS A 81 -6.70 -17.56 -4.48
N LEU A 82 -7.23 -18.74 -4.77
CA LEU A 82 -7.98 -19.49 -3.77
C LEU A 82 -7.07 -20.09 -2.69
N THR A 83 -5.75 -20.00 -2.87
CA THR A 83 -4.80 -20.40 -1.82
C THR A 83 -4.91 -19.49 -0.61
N ASP A 84 -5.39 -18.26 -0.80
CA ASP A 84 -5.54 -17.25 0.25
C ASP A 84 -6.12 -17.79 1.55
N ARG A 98 -30.30 -20.37 -10.51
CA ARG A 98 -29.02 -20.33 -9.81
C ARG A 98 -29.20 -19.84 -8.37
N LEU A 99 -30.47 -19.68 -7.95
CA LEU A 99 -30.76 -19.07 -6.65
C LEU A 99 -30.37 -19.99 -5.49
N GLU A 100 -30.47 -21.31 -5.67
CA GLU A 100 -30.09 -22.24 -4.62
C GLU A 100 -28.58 -22.48 -4.55
N LYS A 101 -27.85 -22.24 -5.65
CA LYS A 101 -26.42 -22.47 -5.68
C LYS A 101 -25.67 -21.28 -5.07
N LEU A 102 -24.72 -21.57 -4.18
CA LEU A 102 -23.91 -20.49 -3.62
C LEU A 102 -23.14 -19.79 -4.73
N GLU A 103 -22.95 -18.49 -4.55
CA GLU A 103 -22.37 -17.68 -5.62
C GLU A 103 -21.08 -17.02 -5.15
N PRO A 104 -19.93 -17.38 -5.72
CA PRO A 104 -18.69 -16.65 -5.44
C PRO A 104 -18.82 -15.13 -5.55
N MET A 105 -19.60 -14.65 -6.52
CA MET A 105 -19.71 -13.19 -6.70
C MET A 105 -20.51 -12.54 -5.58
N GLU A 106 -21.36 -13.31 -4.90
CA GLU A 106 -22.03 -12.80 -3.71
C GLU A 106 -21.01 -12.54 -2.60
N ILE A 107 -20.11 -13.50 -2.37
CA ILE A 107 -19.05 -13.32 -1.37
C ILE A 107 -18.17 -12.13 -1.75
N VAL A 108 -17.71 -12.10 -3.00
CA VAL A 108 -16.87 -11.00 -3.49
C VAL A 108 -17.52 -9.66 -3.20
N GLN A 109 -18.83 -9.54 -3.48
CA GLN A 109 -19.54 -8.29 -3.26
C GLN A 109 -19.57 -7.93 -1.78
N LYS A 110 -19.85 -8.91 -0.92
CA LYS A 110 -19.94 -8.63 0.52
C LYS A 110 -18.64 -8.05 1.08
N TYR A 111 -17.50 -8.65 0.73
CA TYR A 111 -16.24 -8.18 1.29
C TYR A 111 -15.63 -7.03 0.49
N THR A 112 -16.04 -6.83 -0.76
CA THR A 112 -15.64 -5.60 -1.45
C THR A 112 -16.28 -4.37 -0.79
N VAL A 113 -17.57 -4.43 -0.49
CA VAL A 113 -18.25 -3.30 0.16
C VAL A 113 -17.61 -3.01 1.51
N ASP A 114 -17.41 -4.06 2.33
CA ASP A 114 -16.82 -3.86 3.65
C ASP A 114 -15.40 -3.29 3.53
N PHE A 115 -14.63 -3.77 2.55
CA PHE A 115 -13.28 -3.25 2.34
C PHE A 115 -13.30 -1.74 2.07
N HIS A 116 -14.23 -1.28 1.24
CA HIS A 116 -14.28 0.13 0.93
C HIS A 116 -14.79 0.95 2.12
N GLU A 117 -15.72 0.39 2.88
CA GLU A 117 -16.21 1.09 4.08
C GLU A 117 -15.11 1.26 5.11
N VAL A 118 -14.28 0.22 5.31
CA VAL A 118 -13.19 0.32 6.26
C VAL A 118 -12.21 1.41 5.83
N LEU A 119 -11.77 1.37 4.56
CA LEU A 119 -10.79 2.34 4.11
C LEU A 119 -11.32 3.75 4.12
N LYS A 120 -12.62 3.93 3.83
CA LYS A 120 -13.21 5.26 3.90
C LYS A 120 -13.13 5.81 5.32
N LYS A 121 -13.36 4.96 6.32
CA LYS A 121 -13.29 5.41 7.71
C LYS A 121 -11.87 5.85 8.08
N PHE A 122 -10.86 5.16 7.55
CA PHE A 122 -9.48 5.56 7.74
C PHE A 122 -9.05 6.70 6.80
N ASN A 123 -9.99 7.30 6.08
CA ASN A 123 -9.77 8.49 5.26
C ASN A 123 -8.77 8.26 4.13
N LEU A 124 -8.67 7.03 3.63
CA LEU A 124 -7.84 6.79 2.47
C LEU A 124 -8.51 7.38 1.23
N LEU A 125 -7.69 7.98 0.37
CA LEU A 125 -8.18 8.40 -0.93
C LEU A 125 -8.48 7.18 -1.80
N PRO A 126 -9.42 7.29 -2.72
CA PRO A 126 -9.61 6.23 -3.71
C PRO A 126 -8.48 6.24 -4.73
N PRO A 127 -8.03 5.08 -5.19
CA PRO A 127 -7.00 5.06 -6.23
C PRO A 127 -7.55 5.56 -7.56
N THR A 128 -6.62 5.96 -8.42
CA THR A 128 -7.00 6.46 -9.74
C THR A 128 -7.75 5.42 -10.55
N ILE A 129 -7.26 4.17 -10.53
CA ILE A 129 -7.92 3.02 -11.15
C ILE A 129 -7.92 1.88 -10.14
N GLU A 130 -8.98 1.09 -10.17
CA GLU A 130 -9.15 -0.01 -9.21
C GLU A 130 -9.62 -1.24 -9.98
N PRO A 131 -8.74 -1.86 -10.75
CA PRO A 131 -9.17 -2.96 -11.61
C PRO A 131 -9.38 -4.24 -10.83
N THR A 132 -10.21 -5.12 -11.39
CA THR A 132 -10.48 -6.42 -10.83
C THR A 132 -9.91 -7.50 -11.73
N ALA A 133 -9.54 -8.63 -11.13
CA ALA A 133 -9.05 -9.77 -11.90
C ALA A 133 -10.12 -10.26 -12.90
N THR A 134 -11.38 -10.34 -12.46
CA THR A 134 -12.44 -10.77 -13.39
C THR A 134 -12.66 -9.76 -14.50
N GLY A 135 -12.28 -8.50 -14.28
CA GLY A 135 -12.34 -7.53 -15.36
C GLY A 135 -11.28 -7.68 -16.42
N HIS A 136 -10.34 -8.62 -16.25
CA HIS A 136 -9.21 -8.70 -17.18
C HIS A 136 -8.79 -10.13 -17.49
N ILE A 137 -9.75 -11.07 -17.51
CA ILE A 137 -9.45 -12.44 -17.92
C ILE A 137 -8.91 -12.46 -19.34
N ILE A 138 -9.54 -11.69 -20.24
CA ILE A 138 -9.15 -11.70 -21.65
C ILE A 138 -7.70 -11.24 -21.81
N GLU A 139 -7.32 -10.13 -21.16
CA GLU A 139 -5.93 -9.67 -21.24
C GLU A 139 -4.98 -10.71 -20.68
N GLN A 140 -5.37 -11.39 -19.60
CA GLN A 140 -4.50 -12.40 -19.02
C GLN A 140 -4.38 -13.65 -19.90
N ILE A 141 -5.43 -13.98 -20.65
CA ILE A 141 -5.32 -15.11 -21.56
C ILE A 141 -4.35 -14.78 -22.70
N GLU A 142 -4.32 -13.52 -23.14
CA GLU A 142 -3.38 -13.14 -24.21
C GLU A 142 -1.94 -13.24 -23.72
N LEU A 143 -1.65 -12.76 -22.51
CA LEU A 143 -0.30 -12.88 -21.96
C LEU A 143 0.11 -14.34 -21.85
N THR A 144 -0.82 -15.22 -21.49
CA THR A 144 -0.48 -16.63 -21.38
C THR A 144 -0.10 -17.22 -22.74
N LYS A 145 -0.90 -16.92 -23.78
CA LYS A 145 -0.53 -17.24 -25.14
C LYS A 145 0.87 -16.70 -25.47
N LYS A 146 1.10 -15.43 -25.13
CA LYS A 146 2.36 -14.79 -25.43
C LYS A 146 3.53 -15.57 -24.84
N LEU A 147 3.40 -16.01 -23.58
CA LEU A 147 4.49 -16.71 -22.92
C LEU A 147 4.61 -18.14 -23.42
N ILE A 148 3.51 -18.75 -23.84
CA ILE A 148 3.60 -20.08 -24.44
C ILE A 148 4.36 -20.01 -25.76
N ASP A 149 3.98 -19.07 -26.63
CA ASP A 149 4.57 -18.99 -27.96
C ASP A 149 6.03 -18.58 -27.90
N THR A 150 6.44 -17.90 -26.84
CA THR A 150 7.79 -17.40 -26.67
C THR A 150 8.70 -18.38 -25.94
N GLY A 151 8.15 -19.49 -25.44
CA GLY A 151 8.97 -20.52 -24.82
C GLY A 151 9.09 -20.43 -23.33
N PHE A 152 8.47 -19.44 -22.69
CA PHE A 152 8.56 -19.27 -21.25
C PHE A 152 7.51 -20.06 -20.48
N ALA A 153 6.56 -20.66 -21.18
CA ALA A 153 5.44 -21.32 -20.52
C ALA A 153 5.01 -22.51 -21.36
N TYR A 154 4.28 -23.43 -20.73
CA TYR A 154 3.86 -24.66 -21.38
C TYR A 154 2.52 -25.13 -20.81
N GLU A 155 1.65 -25.63 -21.69
CA GLU A 155 0.39 -26.22 -21.26
C GLU A 155 0.64 -27.61 -20.68
N SER A 156 -0.10 -27.94 -19.63
CA SER A 156 0.02 -29.25 -19.00
C SER A 156 -1.31 -29.58 -18.33
N ASN A 157 -2.08 -30.48 -18.94
CA ASN A 157 -3.35 -30.96 -18.40
C ASN A 157 -4.30 -29.80 -18.09
N GLY A 158 -4.49 -28.95 -19.10
CA GLY A 158 -5.41 -27.82 -18.98
C GLY A 158 -4.87 -26.62 -18.23
N SER A 159 -3.79 -26.76 -17.48
CA SER A 159 -3.12 -25.63 -16.87
C SER A 159 -1.95 -25.17 -17.75
N VAL A 160 -1.43 -23.98 -17.44
CA VAL A 160 -0.23 -23.44 -18.08
C VAL A 160 0.72 -23.02 -16.98
N TYR A 161 1.98 -23.44 -17.10
CA TYR A 161 2.97 -23.17 -16.07
C TYR A 161 4.15 -22.40 -16.65
N PHE A 162 4.70 -21.50 -15.84
CA PHE A 162 5.86 -20.71 -16.23
C PHE A 162 7.13 -21.54 -16.01
N ASP A 163 7.94 -21.66 -17.06
CA ASP A 163 9.15 -22.49 -17.03
C ASP A 163 10.27 -21.71 -16.37
N VAL A 164 10.55 -22.01 -15.11
CA VAL A 164 11.52 -21.23 -14.36
C VAL A 164 12.95 -21.52 -14.83
N LEU A 165 13.24 -22.80 -15.15
CA LEU A 165 14.60 -23.14 -15.52
C LEU A 165 14.97 -22.61 -16.90
N GLU A 166 14.01 -22.54 -17.83
CA GLU A 166 14.30 -21.92 -19.11
C GLU A 166 14.49 -20.41 -18.95
N TYR A 167 13.63 -19.78 -18.15
CA TYR A 167 13.81 -18.37 -17.79
C TYR A 167 15.21 -18.11 -17.24
N ASN A 168 15.72 -19.04 -16.42
CA ASN A 168 17.07 -18.89 -15.87
C ASN A 168 18.14 -19.17 -16.92
N ALA A 169 17.93 -20.19 -17.75
CA ALA A 169 18.91 -20.53 -18.77
C ALA A 169 19.16 -19.36 -19.71
N ARG A 170 18.15 -18.54 -19.98
CA ARG A 170 18.35 -17.34 -20.77
C ARG A 170 18.98 -16.20 -19.98
N GLY A 171 19.26 -16.40 -18.70
CA GLY A 171 19.99 -15.43 -17.92
C GLY A 171 19.15 -14.42 -17.17
N LEU A 172 17.86 -14.69 -16.98
CA LEU A 172 16.95 -13.70 -16.43
C LEU A 172 16.83 -13.76 -14.91
N ASN A 173 17.49 -14.72 -14.26
CA ASN A 173 17.72 -14.70 -12.81
C ASN A 173 16.42 -14.63 -12.00
N TYR A 174 15.73 -15.76 -11.86
CA TYR A 174 14.52 -15.80 -11.04
C TYR A 174 14.92 -15.77 -9.56
N GLY A 175 14.38 -14.83 -8.82
CA GLY A 175 14.72 -14.66 -7.42
C GLY A 175 15.50 -13.41 -7.09
N GLU A 176 15.65 -12.47 -8.05
CA GLU A 176 16.45 -11.28 -7.81
C GLU A 176 15.85 -10.38 -6.73
N LEU A 177 14.53 -10.42 -6.53
CA LEU A 177 13.90 -9.58 -5.52
C LEU A 177 14.13 -10.11 -4.11
N SER A 178 13.69 -11.34 -3.83
CA SER A 178 13.82 -11.89 -2.49
C SER A 178 15.20 -12.47 -2.22
N ARG A 179 16.03 -12.63 -3.26
CA ARG A 179 17.41 -13.10 -3.13
C ARG A 179 17.45 -14.43 -2.38
N ARG A 180 16.77 -15.42 -2.96
CA ARG A 180 16.68 -16.74 -2.34
C ARG A 180 16.66 -17.82 -3.41
N ASN A 181 17.03 -19.03 -2.99
CA ASN A 181 16.89 -20.23 -3.81
C ASN A 181 16.51 -21.44 -2.95
N ILE A 182 15.91 -21.19 -1.78
CA ILE A 182 15.67 -22.26 -0.82
C ILE A 182 14.43 -23.05 -1.22
N GLU A 183 14.35 -24.28 -0.71
CA GLU A 183 13.21 -25.18 -0.92
C GLU A 183 12.93 -25.39 -2.41
N GLN A 195 1.93 -30.95 -8.73
CA GLN A 195 3.34 -31.29 -8.64
C GLN A 195 3.79 -32.07 -9.87
N GLY A 196 3.03 -33.10 -10.24
CA GLY A 196 3.39 -33.96 -11.36
C GLY A 196 3.20 -33.33 -12.72
N GLU A 197 2.37 -32.29 -12.82
CA GLU A 197 2.15 -31.62 -14.10
C GLU A 197 3.31 -30.73 -14.51
N LYS A 198 4.17 -30.36 -13.56
CA LYS A 198 5.17 -29.34 -13.79
C LYS A 198 6.51 -29.96 -14.16
N LYS A 199 7.23 -29.28 -15.06
CA LYS A 199 8.59 -29.71 -15.40
C LYS A 199 9.51 -29.62 -14.19
N ASN A 200 9.32 -28.61 -13.35
CA ASN A 200 10.15 -28.38 -12.18
C ASN A 200 9.29 -27.83 -11.06
N PRO A 201 9.60 -28.19 -9.81
CA PRO A 201 8.75 -27.75 -8.68
C PRO A 201 8.66 -26.24 -8.52
N GLN A 202 9.64 -25.46 -8.99
CA GLN A 202 9.56 -24.02 -8.86
C GLN A 202 8.70 -23.35 -9.92
N ASP A 203 8.29 -24.09 -10.95
CA ASP A 203 7.34 -23.54 -11.92
C ASP A 203 6.04 -23.15 -11.21
N PHE A 204 5.47 -22.03 -11.64
CA PHE A 204 4.22 -21.52 -11.09
C PHE A 204 3.18 -21.41 -12.20
N ALA A 205 1.91 -21.43 -11.79
CA ALA A 205 0.81 -21.49 -12.74
C ALA A 205 0.45 -20.11 -13.25
N LEU A 206 0.33 -19.98 -14.57
CA LEU A 206 -0.29 -18.80 -15.17
C LEU A 206 -1.78 -18.97 -15.38
N TRP A 207 -2.21 -20.21 -15.58
CA TRP A 207 -3.62 -20.55 -15.82
C TRP A 207 -3.84 -21.93 -15.24
N LYS A 208 -4.95 -22.11 -14.54
CA LYS A 208 -5.23 -23.37 -13.85
C LYS A 208 -6.50 -24.00 -14.40
N LYS A 209 -6.44 -25.30 -14.68
CA LYS A 209 -7.64 -26.03 -15.09
C LYS A 209 -8.68 -25.97 -13.99
N ALA A 210 -9.93 -25.72 -14.38
CA ALA A 210 -11.04 -25.70 -13.41
C ALA A 210 -11.53 -27.12 -13.17
N SER A 211 -11.58 -27.52 -11.91
CA SER A 211 -12.21 -28.77 -11.50
C SER A 211 -13.70 -28.54 -11.28
N PRO A 212 -14.50 -29.61 -11.25
CA PRO A 212 -15.94 -29.41 -11.01
C PRO A 212 -16.26 -28.67 -9.72
N GLN A 213 -15.37 -28.70 -8.73
CA GLN A 213 -15.61 -27.96 -7.50
C GLN A 213 -15.51 -26.45 -7.70
N HIS A 214 -14.77 -25.99 -8.72
CA HIS A 214 -14.59 -24.56 -8.97
C HIS A 214 -15.84 -24.01 -9.65
N ILE A 215 -16.54 -23.12 -8.96
CA ILE A 215 -17.68 -22.43 -9.56
C ILE A 215 -17.19 -21.37 -10.56
N MET A 216 -16.20 -20.57 -10.15
CA MET A 216 -15.68 -19.54 -11.04
C MET A 216 -14.80 -20.18 -12.11
N ARG A 217 -15.18 -20.00 -13.37
CA ARG A 217 -14.44 -20.58 -14.49
C ARG A 217 -14.70 -19.74 -15.74
N TRP A 218 -13.88 -19.97 -16.75
CA TRP A 218 -13.89 -19.22 -18.00
C TRP A 218 -13.37 -20.14 -19.10
N ILE A 219 -13.93 -20.02 -20.29
CA ILE A 219 -13.41 -20.75 -21.44
C ILE A 219 -12.12 -20.09 -21.90
N SER A 220 -11.24 -20.89 -22.50
CA SER A 220 -9.88 -20.44 -22.84
C SER A 220 -9.33 -21.39 -23.89
N PRO A 221 -8.16 -21.07 -24.47
CA PRO A 221 -7.53 -22.00 -25.42
C PRO A 221 -7.21 -23.38 -24.82
N TRP A 222 -7.18 -23.52 -23.50
CA TRP A 222 -6.72 -24.74 -22.86
C TRP A 222 -7.83 -25.44 -22.09
N GLY A 223 -9.09 -25.12 -22.40
CA GLY A 223 -10.24 -25.62 -21.67
C GLY A 223 -10.82 -24.57 -20.75
N GLU A 224 -11.62 -25.04 -19.80
CA GLU A 224 -12.21 -24.16 -18.79
C GLU A 224 -11.29 -24.05 -17.59
N GLY A 225 -11.02 -22.82 -17.17
CA GLY A 225 -10.11 -22.61 -16.07
C GLY A 225 -10.26 -21.24 -15.47
N PHE A 226 -9.25 -20.86 -14.69
CA PHE A 226 -9.27 -19.57 -14.01
C PHE A 226 -7.83 -19.08 -13.89
N PRO A 227 -7.65 -17.77 -13.69
CA PRO A 227 -6.29 -17.21 -13.77
C PRO A 227 -5.39 -17.64 -12.62
N GLY A 228 -4.09 -17.64 -12.90
CA GLY A 228 -3.11 -17.74 -11.83
C GLY A 228 -2.96 -16.39 -11.14
N TRP A 229 -2.75 -16.45 -9.83
CA TRP A 229 -2.73 -15.22 -9.04
C TRP A 229 -1.74 -14.20 -9.61
N HIS A 230 -0.50 -14.61 -9.84
CA HIS A 230 0.55 -13.65 -10.19
C HIS A 230 0.29 -12.99 -11.53
N LEU A 231 -0.21 -13.76 -12.51
CA LEU A 231 -0.39 -13.18 -13.83
C LEU A 231 -1.53 -12.15 -13.88
N GLU A 232 -2.44 -12.18 -12.90
CA GLU A 232 -3.46 -11.14 -12.84
C GLU A 232 -2.82 -9.76 -12.70
N CYS A 233 -1.84 -9.63 -11.79
CA CYS A 233 -1.31 -8.32 -11.49
C CYS A 233 -0.40 -7.81 -12.60
N THR A 234 0.27 -8.72 -13.32
CA THR A 234 1.08 -8.30 -14.46
C THR A 234 0.22 -7.78 -15.61
N ALA A 235 -0.88 -8.48 -15.91
CA ALA A 235 -1.78 -8.00 -16.95
C ALA A 235 -2.41 -6.66 -16.56
N MET A 236 -2.78 -6.51 -15.29
CA MET A 236 -3.51 -5.31 -14.87
C MET A 236 -2.57 -4.12 -14.69
N SER A 237 -1.38 -4.36 -14.13
CA SER A 237 -0.43 -3.26 -13.91
C SER A 237 0.08 -2.69 -15.23
N THR A 238 0.47 -3.56 -16.16
CA THR A 238 1.08 -3.06 -17.40
C THR A 238 0.04 -2.46 -18.33
N LYS A 239 -1.20 -2.96 -18.32
CA LYS A 239 -2.23 -2.39 -19.18
C LYS A 239 -2.46 -0.91 -18.89
N TYR A 240 -2.49 -0.53 -17.61
CA TYR A 240 -2.81 0.84 -17.22
C TYR A 240 -1.58 1.70 -16.94
N LEU A 241 -0.39 1.12 -16.81
CA LEU A 241 0.81 1.88 -16.50
C LEU A 241 1.95 1.71 -17.49
N GLY A 242 1.93 0.64 -18.29
CA GLY A 242 2.95 0.41 -19.30
C GLY A 242 3.78 -0.83 -19.01
N ASP A 243 4.64 -1.16 -19.97
CA ASP A 243 5.58 -2.27 -19.79
C ASP A 243 6.59 -2.00 -18.68
N LYS A 244 6.80 -0.75 -18.32
CA LYS A 244 7.68 -0.40 -17.22
C LYS A 244 7.12 0.86 -16.56
N PHE A 245 6.93 0.81 -15.25
CA PHE A 245 6.37 1.93 -14.51
C PHE A 245 7.18 2.15 -13.24
N ASP A 246 6.93 3.28 -12.58
CA ASP A 246 7.86 3.77 -11.56
C ASP A 246 7.87 2.86 -10.33
N ILE A 247 6.72 2.72 -9.66
CA ILE A 247 6.65 2.17 -8.31
C ILE A 247 5.67 1.02 -8.28
N HIS A 248 6.04 -0.06 -7.62
CA HIS A 248 5.15 -1.17 -7.36
C HIS A 248 5.24 -1.49 -5.87
N GLY A 249 4.08 -1.51 -5.20
CA GLY A 249 4.03 -1.65 -3.76
C GLY A 249 3.21 -2.85 -3.32
N GLY A 250 3.33 -3.15 -2.04
CA GLY A 250 2.60 -4.25 -1.45
C GLY A 250 3.19 -4.62 -0.11
N GLY A 251 2.50 -5.53 0.57
CA GLY A 251 3.01 -6.06 1.82
C GLY A 251 4.24 -6.92 1.59
N MET A 252 5.10 -6.97 2.62
CA MET A 252 6.35 -7.70 2.50
C MET A 252 6.16 -9.20 2.31
N ASP A 253 5.01 -9.75 2.70
CA ASP A 253 4.73 -11.15 2.44
C ASP A 253 4.57 -11.45 0.94
N LEU A 254 4.34 -10.41 0.12
CA LEU A 254 4.18 -10.60 -1.32
C LEU A 254 5.49 -10.67 -2.06
N LYS A 255 6.61 -10.35 -1.40
CA LYS A 255 7.92 -10.35 -2.06
C LYS A 255 8.19 -11.68 -2.74
N PHE A 256 7.89 -12.79 -2.07
CA PHE A 256 7.99 -14.10 -2.70
C PHE A 256 6.79 -14.94 -2.27
N PRO A 257 6.16 -15.67 -3.19
CA PRO A 257 6.49 -15.74 -4.63
C PRO A 257 5.87 -14.65 -5.51
N HIS A 258 4.87 -13.93 -4.97
CA HIS A 258 4.02 -13.10 -5.81
C HIS A 258 4.82 -12.09 -6.63
N HIS A 259 5.52 -11.18 -5.95
CA HIS A 259 6.24 -10.13 -6.69
C HIS A 259 7.42 -10.71 -7.47
N GLU A 260 8.06 -11.76 -6.94
CA GLU A 260 9.09 -12.45 -7.72
C GLU A 260 8.51 -12.96 -9.03
N CYS A 261 7.26 -13.43 -9.01
CA CYS A 261 6.62 -13.94 -10.22
C CYS A 261 6.20 -12.80 -11.14
N GLU A 262 5.77 -11.67 -10.58
CA GLU A 262 5.44 -10.51 -11.41
C GLU A 262 6.67 -10.04 -12.17
N ILE A 263 7.83 -10.01 -11.51
CA ILE A 263 9.06 -9.58 -12.18
C ILE A 263 9.36 -10.51 -13.34
N ALA A 264 9.33 -11.83 -13.10
CA ALA A 264 9.64 -12.79 -14.15
C ALA A 264 8.65 -12.69 -15.31
N GLN A 265 7.36 -12.54 -14.99
CA GLN A 265 6.36 -12.44 -16.05
C GLN A 265 6.60 -11.19 -16.90
N GLY A 266 6.86 -10.05 -16.24
CA GLY A 266 7.09 -8.82 -16.98
C GLY A 266 8.34 -8.87 -17.83
N LYS A 267 9.42 -9.45 -17.31
CA LYS A 267 10.66 -9.53 -18.08
C LYS A 267 10.51 -10.50 -19.25
N ALA A 268 9.78 -11.60 -19.05
CA ALA A 268 9.60 -12.57 -20.12
C ALA A 268 8.62 -12.06 -21.19
N CYS A 269 7.64 -11.24 -20.80
CA CYS A 269 6.68 -10.70 -21.76
C CYS A 269 7.28 -9.56 -22.56
N ASN A 270 7.92 -8.61 -21.89
CA ASN A 270 8.24 -7.32 -22.48
C ASN A 270 9.73 -7.11 -22.67
N GLY A 271 10.57 -8.06 -22.23
CA GLY A 271 12.00 -7.93 -22.41
C GLY A 271 12.66 -6.89 -21.54
N THR A 272 11.93 -6.30 -20.59
CA THR A 272 12.48 -5.30 -19.69
C THR A 272 11.86 -5.51 -18.32
N GLU A 273 12.56 -5.01 -17.30
CA GLU A 273 12.00 -5.02 -15.95
C GLU A 273 10.72 -4.21 -15.93
N PRO A 274 9.67 -4.70 -15.27
CA PRO A 274 8.41 -3.94 -15.22
C PRO A 274 8.43 -2.77 -14.26
N VAL A 275 9.32 -2.76 -13.27
CA VAL A 275 9.25 -1.80 -12.17
C VAL A 275 10.65 -1.29 -11.83
N ASN A 276 10.79 0.04 -11.69
CA ASN A 276 12.06 0.61 -11.24
C ASN A 276 12.19 0.63 -9.72
N TYR A 277 11.11 0.83 -8.96
CA TYR A 277 11.19 0.93 -7.51
C TYR A 277 10.17 0.00 -6.85
N TRP A 278 10.68 -0.96 -6.09
CA TRP A 278 9.85 -1.93 -5.36
C TRP A 278 9.78 -1.53 -3.89
N MET A 279 8.57 -1.31 -3.40
CA MET A 279 8.32 -0.85 -2.03
C MET A 279 7.51 -1.90 -1.28
N HIS A 280 7.95 -2.24 -0.06
CA HIS A 280 7.29 -3.28 0.73
C HIS A 280 7.00 -2.77 2.13
N ALA A 281 5.73 -2.83 2.53
CA ALA A 281 5.30 -2.41 3.85
C ALA A 281 5.42 -3.58 4.83
N ASN A 282 5.76 -3.27 6.08
CA ASN A 282 6.14 -4.28 7.06
C ASN A 282 4.95 -4.71 7.91
N MET A 283 5.20 -5.66 8.80
CA MET A 283 4.15 -6.33 9.55
C MET A 283 3.56 -5.43 10.63
N LEU A 284 2.44 -5.88 11.18
CA LEU A 284 1.76 -5.26 12.31
C LEU A 284 1.65 -6.30 13.41
N THR A 285 2.05 -5.93 14.62
CA THR A 285 1.89 -6.80 15.77
C THR A 285 1.02 -6.10 16.81
N MET A 286 0.49 -6.91 17.74
CA MET A 286 -0.25 -6.40 18.88
C MET A 286 0.38 -6.93 20.16
N ASN A 287 0.73 -6.03 21.08
CA ASN A 287 1.36 -6.39 22.34
C ASN A 287 2.62 -7.23 22.08
N GLY A 288 3.43 -6.79 21.13
CA GLY A 288 4.66 -7.47 20.79
C GLY A 288 4.51 -8.85 20.19
N GLN A 289 3.29 -9.36 20.04
CA GLN A 289 3.06 -10.69 19.53
C GLN A 289 2.41 -10.64 18.16
N ARG A 290 2.63 -11.70 17.39
CA ARG A 290 2.07 -11.83 16.05
C ARG A 290 0.54 -11.90 16.11
N MET A 291 -0.11 -11.26 15.15
CA MET A 291 -1.56 -11.31 15.03
C MET A 291 -1.99 -12.65 14.46
N SER A 292 -2.75 -13.42 15.23
CA SER A 292 -3.15 -14.75 14.81
C SER A 292 -4.54 -15.06 15.35
N LYS A 293 -5.42 -15.53 14.48
CA LYS A 293 -6.70 -16.04 14.97
C LYS A 293 -6.48 -17.26 15.86
N SER A 294 -5.49 -18.09 15.54
CA SER A 294 -5.25 -19.31 16.31
C SER A 294 -4.67 -18.99 17.69
N THR A 295 -3.80 -17.99 17.76
CA THR A 295 -3.25 -17.56 19.05
C THR A 295 -4.32 -16.88 19.90
N GLY A 296 -5.30 -16.24 19.26
CA GLY A 296 -6.24 -15.38 19.94
C GLY A 296 -5.85 -13.92 19.95
N ASN A 297 -4.60 -13.61 19.60
CA ASN A 297 -4.10 -12.25 19.48
C ASN A 297 -4.57 -11.67 18.13
N TYR A 298 -5.87 -11.46 18.03
CA TYR A 298 -6.46 -11.06 16.76
C TYR A 298 -7.54 -10.02 17.01
N ILE A 299 -7.61 -9.05 16.10
CA ILE A 299 -8.60 -7.98 16.21
C ILE A 299 -8.90 -7.45 14.81
N LEU A 300 -10.18 -7.32 14.49
CA LEU A 300 -10.58 -6.76 13.22
C LEU A 300 -10.55 -5.24 13.28
N PRO A 301 -10.38 -4.57 12.13
CA PRO A 301 -10.40 -3.10 12.12
C PRO A 301 -11.58 -2.47 12.84
N MET A 302 -12.80 -2.96 12.58
CA MET A 302 -13.98 -2.35 13.21
C MET A 302 -14.00 -2.57 14.72
N GLU A 303 -13.50 -3.72 15.17
CA GLU A 303 -13.45 -3.97 16.61
C GLU A 303 -12.52 -2.98 17.31
N LEU A 304 -11.41 -2.62 16.65
CA LEU A 304 -10.49 -1.65 17.24
C LEU A 304 -11.11 -0.25 17.25
N ILE A 305 -11.82 0.10 16.18
CA ILE A 305 -12.51 1.40 16.11
C ILE A 305 -13.60 1.49 17.19
N THR A 306 -14.48 0.49 17.23
CA THR A 306 -15.65 0.53 18.11
C THR A 306 -15.34 0.16 19.55
N GLY A 307 -14.13 -0.32 19.84
CA GLY A 307 -13.81 -0.73 21.19
C GLY A 307 -14.47 -2.02 21.63
N ASN A 308 -15.12 -2.72 20.71
CA ASN A 308 -15.70 -4.03 20.98
C ASN A 308 -14.60 -5.09 20.90
N ASN A 309 -13.71 -5.06 21.89
CA ASN A 309 -12.57 -5.95 21.95
C ASN A 309 -12.00 -5.90 23.36
N SER A 310 -11.17 -6.90 23.67
CA SER A 310 -10.61 -7.08 25.00
C SER A 310 -9.14 -6.70 25.12
N PHE A 311 -8.58 -6.04 24.10
CA PHE A 311 -7.19 -5.58 24.16
C PHE A 311 -7.08 -4.10 24.45
N PHE A 312 -8.05 -3.29 24.02
CA PHE A 312 -8.00 -1.85 24.18
C PHE A 312 -9.12 -1.40 25.09
N GLU A 313 -8.84 -0.42 25.94
CA GLU A 313 -9.75 -0.06 27.02
C GLU A 313 -10.86 0.90 26.59
N LYS A 314 -10.91 1.28 25.32
CA LYS A 314 -11.92 2.23 24.87
C LYS A 314 -12.06 2.09 23.35
N ALA A 315 -13.03 2.82 22.81
CA ALA A 315 -13.10 2.98 21.37
C ALA A 315 -12.13 4.08 20.92
N PHE A 316 -11.74 4.02 19.65
CA PHE A 316 -10.77 4.96 19.10
C PHE A 316 -11.26 5.47 17.75
N HIS A 317 -11.19 6.78 17.56
CA HIS A 317 -11.51 7.35 16.26
C HIS A 317 -10.48 6.89 15.22
N PRO A 318 -10.91 6.52 14.02
CA PRO A 318 -9.93 6.03 13.02
C PRO A 318 -8.81 7.00 12.72
N SER A 319 -9.06 8.31 12.80
CA SER A 319 -7.99 9.26 12.57
C SER A 319 -6.93 9.16 13.66
N VAL A 320 -7.35 8.89 14.91
CA VAL A 320 -6.37 8.63 15.97
C VAL A 320 -5.58 7.37 15.65
N LEU A 321 -6.27 6.31 15.24
CA LEU A 321 -5.59 5.09 14.83
C LEU A 321 -4.63 5.36 13.68
N ARG A 322 -5.07 6.14 12.69
CA ARG A 322 -4.21 6.48 11.57
C ARG A 322 -2.99 7.27 12.03
N PHE A 323 -3.20 8.21 12.95
CA PHE A 323 -2.09 8.97 13.51
C PHE A 323 -1.08 8.03 14.17
N CYS A 324 -1.58 7.10 14.99
CA CYS A 324 -0.71 6.11 15.61
C CYS A 324 0.09 5.34 14.57
N PHE A 325 -0.58 4.87 13.52
CA PHE A 325 0.10 4.08 12.50
C PHE A 325 1.24 4.86 11.87
N LEU A 326 0.98 6.13 11.55
CA LEU A 326 1.97 6.95 10.85
C LEU A 326 3.14 7.35 11.75
N GLN A 327 3.01 7.15 13.06
CA GLN A 327 4.16 7.30 13.96
C GLN A 327 5.15 6.15 13.84
N ALA A 328 4.90 5.16 13.00
CA ALA A 328 5.88 4.13 12.66
C ALA A 328 6.19 4.22 11.18
N HIS A 329 7.46 4.03 10.82
CA HIS A 329 7.87 4.09 9.42
C HIS A 329 7.32 2.88 8.67
N TYR A 330 6.89 3.10 7.42
CA TYR A 330 6.14 2.05 6.71
C TYR A 330 6.96 0.77 6.53
N ARG A 331 8.29 0.85 6.59
CA ARG A 331 9.12 -0.35 6.54
C ARG A 331 9.46 -0.91 7.92
N SER A 332 9.01 -0.25 8.98
CA SER A 332 9.20 -0.78 10.33
C SER A 332 8.01 -1.66 10.73
N VAL A 333 8.27 -2.56 11.66
CA VAL A 333 7.16 -3.28 12.29
C VAL A 333 6.40 -2.32 13.20
N LEU A 334 5.09 -2.26 13.02
CA LEU A 334 4.23 -1.48 13.90
C LEU A 334 3.64 -2.40 14.95
N ASP A 335 3.79 -2.02 16.21
CA ASP A 335 3.18 -2.72 17.32
C ASP A 335 2.13 -1.81 17.95
N ILE A 336 0.91 -2.32 18.08
CA ILE A 336 -0.16 -1.57 18.73
C ILE A 336 -0.39 -2.17 20.10
N SER A 337 -0.63 -1.29 21.07
CA SER A 337 -0.94 -1.70 22.43
C SER A 337 -1.85 -0.64 23.01
N ASN A 338 -2.45 -0.96 24.16
CA ASN A 338 -3.37 0.00 24.76
C ASN A 338 -2.64 1.25 25.22
N ASP A 339 -1.45 1.12 25.80
CA ASP A 339 -0.72 2.29 26.28
C ASP A 339 -0.17 3.11 25.12
N ALA A 340 0.32 2.45 24.06
CA ALA A 340 0.81 3.19 22.91
C ALA A 340 -0.31 3.97 22.24
N MET A 341 -1.50 3.36 22.12
CA MET A 341 -2.61 4.04 21.47
C MET A 341 -3.08 5.24 22.28
N LEU A 342 -3.11 5.10 23.61
CA LEU A 342 -3.48 6.22 24.46
C LEU A 342 -2.48 7.37 24.31
N ALA A 343 -1.20 7.04 24.20
CA ALA A 343 -0.19 8.07 24.01
C ALA A 343 -0.37 8.76 22.66
N SER A 344 -0.61 7.99 21.59
CA SER A 344 -0.90 8.58 20.29
C SER A 344 -2.12 9.50 20.34
N GLU A 345 -3.14 9.10 21.12
CA GLU A 345 -4.34 9.92 21.21
C GLU A 345 -4.07 11.25 21.89
N LYS A 346 -3.31 11.22 22.99
CA LYS A 346 -2.93 12.45 23.66
C LYS A 346 -2.14 13.36 22.73
N GLY A 347 -1.24 12.78 21.94
CA GLY A 347 -0.50 13.57 20.96
C GLY A 347 -1.37 14.04 19.81
N PHE A 348 -2.33 13.21 19.39
CA PHE A 348 -3.28 13.64 18.37
C PHE A 348 -4.06 14.88 18.82
N SER A 349 -4.57 14.86 20.06
CA SER A 349 -5.37 15.98 20.55
C SER A 349 -4.55 17.26 20.57
N ARG A 350 -3.32 17.20 21.07
CA ARG A 350 -2.48 18.39 21.10
C ARG A 350 -2.29 18.96 19.71
N LEU A 351 -2.02 18.09 18.73
CA LEU A 351 -1.85 18.55 17.35
C LEU A 351 -3.08 19.29 16.87
N MET A 352 -4.26 18.69 17.04
CA MET A 352 -5.48 19.31 16.51
C MET A 352 -5.86 20.57 17.28
N ASP A 353 -5.57 20.63 18.59
CA ASP A 353 -5.79 21.86 19.35
C ASP A 353 -5.01 23.01 18.73
N ALA A 354 -3.73 22.79 18.44
CA ALA A 354 -2.94 23.82 17.78
C ALA A 354 -3.53 24.16 16.41
N VAL A 355 -4.00 23.15 15.67
CA VAL A 355 -4.57 23.39 14.35
C VAL A 355 -5.76 24.33 14.43
N LYS A 356 -6.61 24.15 15.45
CA LYS A 356 -7.75 25.04 15.62
C LYS A 356 -7.31 26.42 16.08
N LEU A 357 -6.26 26.51 16.91
CA LEU A 357 -5.86 27.77 17.50
C LEU A 357 -5.12 28.69 16.53
N VAL A 358 -4.76 28.20 15.34
CA VAL A 358 -3.98 29.03 14.42
C VAL A 358 -4.83 30.16 13.85
N ASP A 359 -6.10 29.90 13.57
CA ASP A 359 -6.99 30.92 13.01
C ASP A 359 -7.24 32.09 13.97
N GLU A 360 -6.95 31.94 15.25
CA GLU A 360 -7.20 33.00 16.23
C GLU A 360 -5.93 33.62 16.79
N LEU A 361 -4.75 33.23 16.30
CA LEU A 361 -3.49 33.75 16.82
C LEU A 361 -3.34 35.23 16.49
N GLN A 362 -2.79 35.98 17.44
CA GLN A 362 -2.52 37.39 17.21
C GLN A 362 -1.20 37.57 16.47
N VAL A 363 -1.08 38.71 15.79
CA VAL A 363 0.04 39.00 14.90
C VAL A 363 0.85 40.16 15.45
N SER A 364 2.16 40.10 15.26
CA SER A 364 3.08 41.16 15.64
C SER A 364 3.83 41.65 14.40
N GLU A 365 4.68 42.67 14.59
CA GLU A 365 5.46 43.21 13.49
C GLU A 365 6.69 42.36 13.18
N LYS A 366 7.16 41.56 14.14
CA LYS A 366 8.32 40.71 13.94
C LYS A 366 8.00 39.28 14.38
N SER A 367 8.68 38.31 13.78
CA SER A 367 8.52 36.90 14.11
C SER A 367 9.74 36.43 14.89
N THR A 368 9.51 35.91 16.09
CA THR A 368 10.59 35.33 16.90
C THR A 368 10.74 33.84 16.67
N VAL A 369 10.02 33.28 15.71
CA VAL A 369 10.20 31.90 15.28
C VAL A 369 10.43 31.92 13.77
N ASN A 370 11.20 30.94 13.30
CA ASN A 370 11.59 30.87 11.90
C ASN A 370 10.73 29.81 11.22
N VAL A 371 9.62 30.24 10.61
CA VAL A 371 8.74 29.28 9.96
C VAL A 371 9.40 28.68 8.73
N GLN A 372 10.25 29.45 8.03
CA GLN A 372 10.94 28.93 6.86
C GLN A 372 11.84 27.76 7.23
N GLU A 373 12.51 27.85 8.38
CA GLU A 373 13.43 26.80 8.78
C GLU A 373 12.67 25.54 9.19
N TRP A 374 11.55 25.70 9.89
CA TRP A 374 10.74 24.57 10.30
C TRP A 374 10.20 23.82 9.09
N TYR A 375 9.68 24.55 8.10
CA TYR A 375 9.13 23.89 6.92
C TYR A 375 10.18 23.09 6.18
N GLU A 376 11.41 23.61 6.12
CA GLU A 376 12.48 22.87 5.46
C GLU A 376 12.81 21.59 6.21
N LYS A 377 12.80 21.63 7.55
CA LYS A 377 13.02 20.41 8.33
C LYS A 377 11.87 19.43 8.13
N ALA A 378 10.62 19.93 8.11
CA ALA A 378 9.48 19.05 7.92
C ALA A 378 9.50 18.43 6.53
N TYR A 379 9.81 19.21 5.51
CA TYR A 379 9.79 18.72 4.14
C TYR A 379 10.89 17.70 3.88
N SER A 380 12.09 17.93 4.45
CA SER A 380 13.19 16.99 4.24
C SER A 380 12.87 15.62 4.83
N ALA A 381 12.26 15.60 6.02
CA ALA A 381 11.81 14.31 6.58
C ALA A 381 10.85 13.61 5.62
N LEU A 382 9.96 14.37 4.98
CA LEU A 382 8.98 13.75 4.09
C LEU A 382 9.66 13.09 2.89
N VAL A 383 10.63 13.77 2.28
CA VAL A 383 11.24 13.22 1.07
C VAL A 383 12.41 12.31 1.45
N ASP A 384 12.53 11.99 2.72
CA ASP A 384 13.51 10.99 3.17
C ASP A 384 12.79 9.67 3.36
N ASP A 385 12.52 9.01 2.23
CA ASP A 385 11.76 7.76 2.19
C ASP A 385 10.49 7.84 3.05
N PHE A 386 9.75 8.94 2.89
CA PHE A 386 8.41 9.13 3.46
C PHE A 386 8.40 8.91 4.97
N ASN A 387 9.30 9.62 5.65
CA ASN A 387 9.60 9.40 7.06
C ASN A 387 8.55 10.11 7.90
N SER A 388 7.37 9.50 7.98
CA SER A 388 6.28 10.08 8.74
C SER A 388 6.60 10.29 10.22
N PRO A 389 7.26 9.37 10.94
CA PRO A 389 7.54 9.68 12.35
C PRO A 389 8.36 10.95 12.53
N ILE A 390 9.45 11.09 11.78
CA ILE A 390 10.26 12.31 11.88
C ILE A 390 9.46 13.53 11.46
N LEU A 391 8.65 13.40 10.40
CA LEU A 391 7.81 14.52 9.96
C LEU A 391 6.85 14.95 11.06
N ILE A 392 6.23 13.98 11.74
CA ILE A 392 5.31 14.29 12.84
C ILE A 392 6.04 15.03 13.95
N SER A 393 7.28 14.62 14.26
CA SER A 393 8.07 15.32 15.27
C SER A 393 8.29 16.78 14.88
N HIS A 394 8.62 17.04 13.63
CA HIS A 394 8.78 18.44 13.21
C HIS A 394 7.45 19.19 13.26
N LEU A 395 6.33 18.48 13.05
CA LEU A 395 5.03 19.12 13.23
C LEU A 395 4.81 19.55 14.67
N PHE A 396 5.41 18.83 15.63
CA PHE A 396 5.23 19.21 17.02
C PHE A 396 6.01 20.46 17.38
N GLU A 397 7.08 20.76 16.65
CA GLU A 397 7.73 22.05 16.81
C GLU A 397 6.76 23.18 16.48
N ALA A 398 6.00 23.03 15.40
CA ALA A 398 5.00 24.03 15.05
C ALA A 398 3.85 24.03 16.05
N VAL A 399 3.48 22.85 16.57
CA VAL A 399 2.44 22.79 17.60
C VAL A 399 2.90 23.52 18.86
N LYS A 400 4.14 23.25 19.29
CA LYS A 400 4.69 23.95 20.45
C LYS A 400 4.69 25.46 20.23
N TRP A 401 4.95 25.90 19.01
CA TRP A 401 4.97 27.33 18.72
C TRP A 401 3.58 27.95 18.85
N VAL A 402 2.54 27.23 18.44
CA VAL A 402 1.19 27.79 18.44
C VAL A 402 0.73 28.09 19.86
N PHE A 403 1.01 27.18 20.80
CA PHE A 403 0.66 27.46 22.19
C PHE A 403 1.54 28.56 22.77
N LEU A 404 2.81 28.63 22.34
CA LEU A 404 3.67 29.73 22.78
C LEU A 404 3.18 31.06 22.22
N LEU A 405 2.81 31.08 20.93
CA LEU A 405 2.30 32.30 20.33
C LEU A 405 1.05 32.79 21.04
N LYS A 406 0.15 31.87 21.42
CA LYS A 406 -1.10 32.26 22.06
C LYS A 406 -0.87 32.98 23.38
N ASP A 407 0.18 32.60 24.12
CA ASP A 407 0.49 33.20 25.42
C ASP A 407 1.52 34.30 25.32
N GLY A 408 1.69 34.90 24.14
CA GLY A 408 2.59 36.03 23.98
C GLY A 408 4.04 35.75 24.30
N LYS A 409 4.38 34.48 24.58
CA LYS A 409 5.77 34.13 24.83
C LYS A 409 6.60 34.12 23.54
N GLU A 410 5.94 34.09 22.38
CA GLU A 410 6.58 34.22 21.08
C GLU A 410 5.72 35.13 20.20
N THR A 411 6.31 35.63 19.12
CA THR A 411 5.60 36.52 18.20
C THR A 411 5.73 36.01 16.78
N ILE A 412 4.89 36.54 15.89
CA ILE A 412 4.85 36.10 14.50
C ILE A 412 4.16 37.17 13.66
N THR A 413 4.73 37.45 12.49
CA THR A 413 4.13 38.37 11.55
C THR A 413 2.96 37.71 10.83
N ALA A 414 2.18 38.52 10.11
CA ALA A 414 1.00 37.99 9.43
C ALA A 414 1.38 37.09 8.27
N ASP A 415 2.44 37.45 7.53
CA ASP A 415 2.88 36.61 6.43
C ASP A 415 3.40 35.27 6.92
N ASP A 416 4.19 35.27 8.00
CA ASP A 416 4.65 34.01 8.57
C ASP A 416 3.50 33.19 9.13
N LEU A 417 2.48 33.85 9.68
CA LEU A 417 1.33 33.11 10.21
C LEU A 417 0.55 32.46 9.08
N ALA A 418 0.31 33.20 7.99
CA ALA A 418 -0.36 32.62 6.84
C ALA A 418 0.40 31.43 6.28
N PHE A 419 1.73 31.55 6.22
CA PHE A 419 2.58 30.45 5.73
C PHE A 419 2.53 29.25 6.67
N LEU A 420 2.63 29.50 7.98
CA LEU A 420 2.52 28.43 8.96
C LEU A 420 1.19 27.72 8.83
N LYS A 421 0.10 28.48 8.71
CA LYS A 421 -1.22 27.87 8.59
C LYS A 421 -1.33 26.99 7.36
N GLU A 422 -0.85 27.49 6.22
CA GLU A 422 -0.95 26.71 4.98
C GLU A 422 -0.14 25.42 5.07
N LYS A 423 1.11 25.51 5.55
CA LYS A 423 1.96 24.34 5.57
C LYS A 423 1.47 23.32 6.60
N LEU A 424 1.03 23.79 7.76
CA LEU A 424 0.63 22.86 8.82
C LEU A 424 -0.65 22.13 8.46
N ASN A 425 -1.66 22.83 7.92
CA ASN A 425 -2.85 22.13 7.45
C ASN A 425 -2.52 21.18 6.31
N ALA A 426 -1.62 21.58 5.40
CA ALA A 426 -1.26 20.72 4.28
C ALA A 426 -0.63 19.42 4.77
N PHE A 427 0.27 19.49 5.75
CA PHE A 427 0.87 18.27 6.29
C PHE A 427 -0.16 17.43 7.04
N VAL A 428 -1.05 18.09 7.78
CA VAL A 428 -1.96 17.36 8.67
C VAL A 428 -3.10 16.72 7.89
N PHE A 429 -3.70 17.46 6.97
CA PHE A 429 -4.91 17.00 6.31
C PHE A 429 -4.65 16.34 4.96
N ASP A 430 -3.70 16.86 4.19
CA ASP A 430 -3.47 16.43 2.81
C ASP A 430 -2.40 15.35 2.69
N VAL A 431 -1.35 15.43 3.50
CA VAL A 431 -0.22 14.51 3.43
C VAL A 431 -0.47 13.34 4.38
N LEU A 432 -0.65 13.65 5.65
CA LEU A 432 -0.94 12.61 6.63
C LEU A 432 -2.37 12.07 6.52
N GLY A 433 -3.28 12.83 5.93
CA GLY A 433 -4.65 12.39 5.79
C GLY A 433 -5.44 12.34 7.08
N LEU A 434 -5.04 13.14 8.07
CA LEU A 434 -5.80 13.19 9.31
C LEU A 434 -7.08 13.99 9.10
N GLN A 435 -7.95 13.96 10.10
CA GLN A 435 -9.15 14.78 10.03
C GLN A 435 -9.63 15.10 11.44
N THR A 436 -10.34 16.22 11.56
CA THR A 436 -10.81 16.69 12.86
C THR A 436 -11.93 15.79 13.39
N VAL A 437 -11.99 15.69 14.73
CA VAL A 437 -12.97 14.88 15.42
C VAL A 437 -13.78 15.79 16.34
N GLU A 438 -15.07 15.92 16.05
CA GLU A 438 -15.96 16.77 16.86
C GLU A 438 -16.44 16.05 18.11
#